data_9IW1
#
_entry.id   9IW1
#
_cell.length_a   42.988
_cell.length_b   60.536
_cell.length_c   202.142
_cell.angle_alpha   90.000
_cell.angle_beta   90.000
_cell.angle_gamma   90.000
#
_symmetry.space_group_name_H-M   'P 21 21 21'
#
loop_
_entity.id
_entity.type
_entity.pdbx_description
1 polymer 'Nicotinamide-nucleotide adenylyltransferase'
2 non-polymer 'BETA-NICOTINAMIDE RIBOSE MONOPHOSPHATE'
3 non-polymer GLYCEROL
4 non-polymer DI(HYDROXYETHYL)ETHER
5 non-polymer 1,2-ETHANEDIOL
6 water water
#
_entity_poly.entity_id   1
_entity_poly.type   'polypeptide(L)'
_entity_poly.pdbx_seq_one_letter_code
;MGHHHHHHHASESSDMATQTRTGLITPVSGIQTPQTPSEPPAMMDSYTFPIHKLKRRQSQPGKTPLVLVACGSFSPITFL
HLRMFEMASDFVRFNTDFEVCAGYLSPVSDAYKKAGLAPGHHRVNMCSRAVEPSPWLMVDPYETLNRNERGEPEYVPTAK
VLRHFDHEINTVLGGIEGTDGVRRKARIALLAGADLIMSMSEPGLWSPTDLDVILSQYGAFIIERSGTDIEEALASLRQY
ENNIWVISQVIQNDISSTKVRLFLRKDLSVRYLIPDPVVDYIEEHGLYQEPKASSAKASPSRELEKEFKGKGKASLPPDD
AAPSPEENKPTVG
;
_entity_poly.pdbx_strand_id   A,B
#
loop_
_chem_comp.id
_chem_comp.type
_chem_comp.name
_chem_comp.formula
EDO non-polymer 1,2-ETHANEDIOL 'C2 H6 O2'
GOL non-polymer GLYCEROL 'C3 H8 O3'
NMN non-polymer 'BETA-NICOTINAMIDE RIBOSE MONOPHOSPHATE' 'C11 H16 N2 O8 P 1'
PEG non-polymer DI(HYDROXYETHYL)ETHER 'C4 H10 O3'
#
# COMPACT_ATOMS: atom_id res chain seq x y z
N ASP A 45 -25.46 -19.32 -8.42
CA ASP A 45 -26.04 -20.44 -7.78
C ASP A 45 -25.17 -21.22 -6.89
N SER A 46 -24.47 -22.24 -7.36
CA SER A 46 -23.80 -23.11 -6.39
C SER A 46 -22.27 -23.11 -6.49
N TYR A 47 -21.63 -23.73 -5.49
CA TYR A 47 -20.19 -23.57 -5.36
C TYR A 47 -19.46 -24.14 -6.56
N THR A 48 -18.62 -23.30 -7.16
CA THR A 48 -17.75 -23.72 -8.25
C THR A 48 -16.34 -23.29 -7.88
N PHE A 49 -15.41 -24.20 -7.95
CA PHE A 49 -14.05 -23.88 -7.59
C PHE A 49 -13.47 -22.88 -8.59
N PRO A 50 -12.94 -21.75 -8.14
CA PRO A 50 -12.52 -20.69 -9.09
C PRO A 50 -11.29 -21.09 -9.87
N ILE A 51 -11.36 -20.92 -11.18
CA ILE A 51 -10.26 -21.31 -12.06
C ILE A 51 -10.05 -20.25 -13.15
N HIS A 52 -10.73 -19.12 -13.06
CA HIS A 52 -10.71 -18.19 -14.18
C HIS A 52 -9.32 -17.59 -14.41
N LYS A 53 -8.42 -17.66 -13.42
CA LYS A 53 -7.06 -17.18 -13.59
C LYS A 53 -6.02 -18.26 -13.34
N LEU A 54 -6.41 -19.52 -13.31
CA LEU A 54 -5.47 -20.61 -13.06
C LEU A 54 -4.73 -20.93 -14.36
N LYS A 55 -3.40 -20.91 -14.31
CA LYS A 55 -2.63 -21.31 -15.47
C LYS A 55 -2.69 -22.83 -15.58
N ARG A 56 -3.30 -23.33 -16.63
CA ARG A 56 -3.48 -24.77 -16.74
C ARG A 56 -2.44 -25.43 -17.61
N ARG A 57 -1.61 -24.65 -18.31
CA ARG A 57 -0.47 -25.17 -19.06
C ARG A 57 0.77 -24.37 -18.69
N GLN A 58 1.81 -25.05 -18.24
CA GLN A 58 3.05 -24.39 -17.89
C GLN A 58 3.77 -23.80 -19.09
N SER A 59 4.67 -22.84 -18.81
CA SER A 59 5.54 -22.23 -19.80
C SER A 59 7.01 -22.55 -19.61
N GLN A 60 7.42 -23.06 -18.46
CA GLN A 60 8.85 -23.23 -18.19
C GLN A 60 9.17 -24.70 -18.06
N PRO A 61 10.10 -25.21 -18.84
CA PRO A 61 10.47 -26.62 -18.71
C PRO A 61 11.28 -26.86 -17.45
N GLY A 62 11.14 -28.06 -16.93
CA GLY A 62 11.87 -28.48 -15.73
C GLY A 62 11.34 -27.92 -14.44
N LYS A 63 10.22 -27.19 -14.47
CA LYS A 63 9.69 -26.53 -13.29
C LYS A 63 8.48 -27.30 -12.79
N THR A 64 8.37 -27.41 -11.48
CA THR A 64 7.23 -27.99 -10.82
C THR A 64 6.10 -26.99 -10.71
N PRO A 65 4.90 -27.31 -11.17
CA PRO A 65 3.79 -26.37 -11.02
C PRO A 65 3.44 -26.19 -9.55
N LEU A 66 3.16 -24.94 -9.18
CA LEU A 66 2.94 -24.57 -7.79
C LEU A 66 1.69 -23.71 -7.69
N VAL A 67 0.89 -23.96 -6.67
CA VAL A 67 -0.27 -23.16 -6.34
C VAL A 67 -0.13 -22.69 -4.90
N LEU A 68 -0.25 -21.38 -4.69
CA LEU A 68 -0.11 -20.77 -3.37
C LEU A 68 -1.48 -20.54 -2.76
N VAL A 69 -1.63 -20.87 -1.49
CA VAL A 69 -2.89 -20.69 -0.76
C VAL A 69 -2.64 -19.86 0.49
N ALA A 70 -3.34 -18.72 0.60
CA ALA A 70 -3.28 -17.88 1.80
C ALA A 70 -4.54 -18.11 2.63
N CYS A 71 -4.39 -18.81 3.75
CA CYS A 71 -5.47 -18.98 4.72
C CYS A 71 -5.40 -17.89 5.78
N GLY A 72 -6.50 -17.16 5.93
CA GLY A 72 -6.52 -16.11 6.94
C GLY A 72 -7.94 -15.63 7.18
N SER A 73 -8.06 -14.68 8.10
CA SER A 73 -9.37 -14.09 8.39
C SER A 73 -9.77 -13.11 7.29
N PHE A 74 -8.84 -12.28 6.85
CA PHE A 74 -9.12 -11.25 5.85
C PHE A 74 -10.31 -10.40 6.29
N SER A 75 -10.17 -9.75 7.45
CA SER A 75 -11.26 -8.99 8.05
C SER A 75 -10.80 -7.59 8.44
N PRO A 76 -10.55 -6.72 7.47
CA PRO A 76 -10.62 -6.89 6.02
C PRO A 76 -9.27 -7.21 5.37
N ILE A 77 -9.26 -7.57 4.08
CA ILE A 77 -8.03 -7.73 3.32
C ILE A 77 -7.27 -6.40 3.29
N THR A 78 -5.93 -6.47 3.31
CA THR A 78 -5.09 -5.27 3.21
C THR A 78 -4.12 -5.40 2.04
N PHE A 79 -3.44 -4.28 1.74
CA PHE A 79 -2.42 -4.32 0.70
C PHE A 79 -1.25 -5.23 1.09
N LEU A 80 -1.00 -5.41 2.39
CA LEU A 80 0.07 -6.31 2.81
C LEU A 80 -0.26 -7.75 2.44
N HIS A 81 -1.48 -8.19 2.71
CA HIS A 81 -1.89 -9.54 2.30
C HIS A 81 -1.65 -9.74 0.82
N LEU A 82 -1.99 -8.73 0.00
CA LEU A 82 -1.81 -8.88 -1.44
C LEU A 82 -0.34 -8.85 -1.82
N ARG A 83 0.44 -7.98 -1.18
CA ARG A 83 1.87 -7.89 -1.47
C ARG A 83 2.59 -9.21 -1.17
N MET A 84 2.14 -9.95 -0.15
N MET A 84 2.14 -9.96 -0.16
CA MET A 84 2.77 -11.23 0.18
CA MET A 84 2.79 -11.22 0.17
C MET A 84 2.78 -12.18 -1.01
C MET A 84 2.76 -12.20 -0.99
N PHE A 85 1.71 -12.17 -1.81
CA PHE A 85 1.67 -13.03 -2.98
C PHE A 85 2.73 -12.64 -3.98
N GLU A 86 2.86 -11.33 -4.25
CA GLU A 86 3.88 -10.85 -5.18
C GLU A 86 5.29 -11.16 -4.68
N MET A 87 5.53 -11.02 -3.37
CA MET A 87 6.84 -11.38 -2.83
C MET A 87 7.12 -12.87 -3.02
N ALA A 88 6.11 -13.70 -2.78
CA ALA A 88 6.27 -15.13 -2.97
C ALA A 88 6.52 -15.46 -4.43
N SER A 89 5.79 -14.79 -5.34
CA SER A 89 6.01 -15.00 -6.77
C SER A 89 7.46 -14.68 -7.15
N ASP A 90 7.97 -13.53 -6.72
CA ASP A 90 9.35 -13.12 -7.02
C ASP A 90 10.36 -14.10 -6.43
N PHE A 91 10.16 -14.53 -5.18
CA PHE A 91 11.08 -15.47 -4.55
C PHE A 91 11.12 -16.79 -5.30
N VAL A 92 9.95 -17.30 -5.71
CA VAL A 92 9.87 -18.57 -6.42
C VAL A 92 10.65 -18.50 -7.72
N ARG A 93 10.50 -17.39 -8.45
CA ARG A 93 11.16 -17.24 -9.74
C ARG A 93 12.67 -17.38 -9.61
N PHE A 94 13.26 -16.79 -8.57
CA PHE A 94 14.70 -16.64 -8.49
C PHE A 94 15.36 -17.56 -7.48
N ASN A 95 14.59 -18.34 -6.71
CA ASN A 95 15.17 -19.16 -5.66
C ASN A 95 14.66 -20.60 -5.63
N THR A 96 13.75 -20.98 -6.53
CA THR A 96 13.19 -22.33 -6.50
C THR A 96 13.13 -22.87 -7.92
N ASP A 97 12.73 -24.14 -8.01
CA ASP A 97 12.39 -24.77 -9.27
C ASP A 97 10.89 -24.93 -9.44
N PHE A 98 10.11 -24.04 -8.83
CA PHE A 98 8.67 -24.00 -9.03
C PHE A 98 8.32 -23.00 -10.14
N GLU A 99 7.14 -23.22 -10.74
CA GLU A 99 6.48 -22.25 -11.60
C GLU A 99 5.11 -21.98 -11.01
N VAL A 100 4.85 -20.72 -10.63
CA VAL A 100 3.59 -20.33 -10.01
C VAL A 100 2.47 -20.38 -11.05
N CYS A 101 1.38 -21.09 -10.70
CA CYS A 101 0.23 -21.21 -11.59
C CYS A 101 -1.02 -20.48 -11.12
N ALA A 102 -1.10 -20.13 -9.82
CA ALA A 102 -2.25 -19.42 -9.27
C ALA A 102 -1.97 -19.05 -7.82
N GLY A 103 -2.68 -18.02 -7.36
CA GLY A 103 -2.74 -17.67 -5.95
C GLY A 103 -4.17 -17.60 -5.45
N TYR A 104 -4.48 -18.25 -4.35
CA TYR A 104 -5.84 -18.29 -3.82
C TYR A 104 -5.88 -17.70 -2.43
N LEU A 105 -6.88 -16.83 -2.20
CA LEU A 105 -7.21 -16.37 -0.87
C LEU A 105 -8.30 -17.28 -0.31
N SER A 106 -8.12 -17.73 0.93
CA SER A 106 -9.05 -18.67 1.56
C SER A 106 -9.55 -18.06 2.86
N PRO A 107 -10.61 -17.24 2.84
CA PRO A 107 -11.13 -16.66 4.08
C PRO A 107 -11.67 -17.71 5.03
N VAL A 108 -11.36 -17.54 6.32
CA VAL A 108 -11.69 -18.53 7.32
C VAL A 108 -13.19 -18.57 7.57
N SER A 109 -13.65 -19.71 8.11
CA SER A 109 -15.05 -19.89 8.45
C SER A 109 -15.47 -18.95 9.57
N ASP A 110 -16.73 -18.50 9.51
CA ASP A 110 -17.29 -17.71 10.59
C ASP A 110 -17.30 -18.42 11.93
N ALA A 111 -17.11 -19.73 11.95
CA ALA A 111 -17.01 -20.46 13.20
C ALA A 111 -15.68 -20.25 13.92
N TYR A 112 -14.68 -19.65 13.26
CA TYR A 112 -13.38 -19.44 13.88
C TYR A 112 -13.49 -18.58 15.12
N LYS A 113 -12.92 -19.05 16.23
CA LYS A 113 -12.89 -18.29 17.48
C LYS A 113 -11.94 -17.09 17.40
N LYS A 114 -12.37 -16.00 16.74
CA LYS A 114 -11.55 -14.78 16.69
C LYS A 114 -12.44 -13.55 16.72
N ALA A 115 -11.90 -12.47 17.28
CA ALA A 115 -12.55 -11.16 17.39
C ALA A 115 -12.36 -10.32 16.12
N GLY A 116 -13.35 -9.49 15.81
CA GLY A 116 -13.29 -8.60 14.66
C GLY A 116 -13.58 -9.25 13.33
N LEU A 117 -14.19 -10.43 13.33
CA LEU A 117 -14.44 -11.21 12.12
C LEU A 117 -15.79 -10.82 11.51
N ALA A 118 -15.75 -10.12 10.38
CA ALA A 118 -16.97 -9.75 9.68
C ALA A 118 -17.64 -11.00 9.13
N PRO A 119 -18.90 -10.91 8.69
CA PRO A 119 -19.55 -12.08 8.09
C PRO A 119 -18.78 -12.62 6.90
N GLY A 120 -18.85 -13.94 6.73
CA GLY A 120 -18.03 -14.62 5.73
C GLY A 120 -18.28 -14.13 4.31
N HIS A 121 -19.55 -14.00 3.92
CA HIS A 121 -19.82 -13.56 2.55
C HIS A 121 -19.32 -12.14 2.31
N HIS A 122 -19.27 -11.31 3.35
CA HIS A 122 -18.68 -9.98 3.21
C HIS A 122 -17.18 -10.07 3.00
N ARG A 123 -16.50 -10.90 3.79
CA ARG A 123 -15.06 -11.04 3.63
C ARG A 123 -14.70 -11.62 2.26
N VAL A 124 -15.50 -12.57 1.77
CA VAL A 124 -15.29 -13.11 0.43
C VAL A 124 -15.47 -12.00 -0.60
N ASN A 125 -16.52 -11.18 -0.44
CA ASN A 125 -16.78 -10.11 -1.39
C ASN A 125 -15.67 -9.07 -1.38
N MET A 126 -15.16 -8.72 -0.20
CA MET A 126 -14.08 -7.75 -0.15
C MET A 126 -12.83 -8.31 -0.81
N CYS A 127 -12.50 -9.57 -0.55
CA CYS A 127 -11.34 -10.19 -1.19
C CYS A 127 -11.49 -10.24 -2.71
N SER A 128 -12.68 -10.62 -3.20
CA SER A 128 -12.87 -10.74 -4.64
C SER A 128 -12.65 -9.40 -5.32
N ARG A 129 -13.19 -8.34 -4.73
CA ARG A 129 -13.00 -7.04 -5.34
C ARG A 129 -11.55 -6.63 -5.29
N ALA A 130 -10.83 -6.98 -4.21
CA ALA A 130 -9.42 -6.63 -4.11
C ALA A 130 -8.59 -7.26 -5.23
N VAL A 131 -8.95 -8.46 -5.69
CA VAL A 131 -8.10 -9.17 -6.63
C VAL A 131 -8.65 -9.15 -8.04
N GLU A 132 -9.82 -8.55 -8.26
CA GLU A 132 -10.33 -8.36 -9.61
C GLU A 132 -9.29 -7.82 -10.58
N PRO A 133 -8.49 -6.80 -10.24
CA PRO A 133 -7.46 -6.35 -11.19
C PRO A 133 -6.28 -7.29 -11.29
N SER A 134 -6.15 -8.27 -10.39
CA SER A 134 -4.97 -9.12 -10.44
C SER A 134 -5.09 -10.12 -11.59
N PRO A 135 -3.99 -10.39 -12.30
CA PRO A 135 -4.05 -11.40 -13.37
C PRO A 135 -3.97 -12.83 -12.85
N TRP A 136 -3.60 -13.05 -11.59
CA TRP A 136 -3.36 -14.42 -11.12
C TRP A 136 -3.90 -14.73 -9.74
N LEU A 137 -4.57 -13.80 -9.05
CA LEU A 137 -5.08 -14.06 -7.72
C LEU A 137 -6.60 -14.23 -7.75
N MET A 138 -7.09 -15.20 -6.98
CA MET A 138 -8.50 -15.52 -6.93
C MET A 138 -8.90 -15.80 -5.49
N VAL A 139 -10.19 -15.77 -5.22
CA VAL A 139 -10.73 -16.04 -3.89
C VAL A 139 -11.55 -17.31 -3.92
N ASP A 140 -11.32 -18.19 -2.95
CA ASP A 140 -12.09 -19.43 -2.83
C ASP A 140 -12.97 -19.34 -1.59
N PRO A 141 -14.29 -19.25 -1.74
CA PRO A 141 -15.18 -19.12 -0.57
C PRO A 141 -15.44 -20.43 0.16
N TYR A 142 -14.73 -21.50 -0.18
CA TYR A 142 -15.05 -22.84 0.30
C TYR A 142 -15.17 -22.88 1.83
N GLU A 143 -14.16 -22.37 2.54
CA GLU A 143 -14.19 -22.44 4.00
C GLU A 143 -15.43 -21.76 4.57
N THR A 144 -15.84 -20.62 4.01
CA THR A 144 -17.02 -19.96 4.55
C THR A 144 -18.32 -20.71 4.26
N LEU A 145 -18.31 -21.71 3.37
CA LEU A 145 -19.51 -22.44 3.00
C LEU A 145 -19.66 -23.75 3.76
N ASN A 146 -18.65 -24.18 4.50
CA ASN A 146 -18.76 -25.42 5.25
C ASN A 146 -19.79 -25.28 6.36
N ARG A 147 -20.64 -26.30 6.50
CA ARG A 147 -21.74 -26.30 7.46
C ARG A 147 -21.81 -27.67 8.12
N ASN A 148 -22.24 -27.70 9.37
CA ASN A 148 -22.41 -28.97 10.05
C ASN A 148 -23.80 -29.54 9.75
N GLU A 149 -24.15 -30.63 10.44
CA GLU A 149 -25.43 -31.30 10.22
C GLU A 149 -26.61 -30.37 10.46
N ARG A 150 -26.51 -29.53 11.48
CA ARG A 150 -27.56 -28.60 11.85
C ARG A 150 -27.50 -27.30 11.04
N GLY A 151 -26.68 -27.26 9.99
CA GLY A 151 -26.59 -26.10 9.14
C GLY A 151 -25.76 -24.93 9.67
N GLU A 152 -25.21 -25.02 10.88
CA GLU A 152 -24.37 -23.94 11.39
C GLU A 152 -23.00 -23.93 10.70
N PRO A 153 -22.33 -22.78 10.63
CA PRO A 153 -20.97 -22.77 10.07
C PRO A 153 -20.06 -23.71 10.83
N GLU A 154 -19.21 -24.42 10.09
CA GLU A 154 -18.27 -25.36 10.67
C GLU A 154 -16.86 -24.98 10.26
N TYR A 155 -15.96 -24.91 11.23
CA TYR A 155 -14.57 -24.56 10.99
C TYR A 155 -13.86 -25.64 10.20
N VAL A 156 -13.01 -25.23 9.25
CA VAL A 156 -12.24 -26.15 8.42
C VAL A 156 -10.78 -26.04 8.84
N PRO A 157 -10.20 -27.06 9.45
CA PRO A 157 -8.78 -27.00 9.78
C PRO A 157 -7.92 -26.89 8.54
N THR A 158 -6.75 -26.27 8.71
CA THR A 158 -5.93 -25.90 7.58
C THR A 158 -5.52 -27.13 6.77
N ALA A 159 -5.22 -28.24 7.45
CA ALA A 159 -4.91 -29.47 6.73
C ALA A 159 -6.05 -29.87 5.80
N LYS A 160 -7.29 -29.72 6.25
CA LYS A 160 -8.42 -30.05 5.40
C LYS A 160 -8.59 -29.04 4.27
N VAL A 161 -8.20 -27.77 4.49
CA VAL A 161 -8.26 -26.78 3.41
C VAL A 161 -7.29 -27.18 2.31
N LEU A 162 -6.07 -27.54 2.69
CA LEU A 162 -5.07 -27.89 1.68
C LEU A 162 -5.50 -29.12 0.90
N ARG A 163 -6.10 -30.11 1.57
CA ARG A 163 -6.63 -31.26 0.84
C ARG A 163 -7.73 -30.85 -0.12
N HIS A 164 -8.54 -29.85 0.26
CA HIS A 164 -9.59 -29.36 -0.64
C HIS A 164 -8.99 -28.79 -1.91
N PHE A 165 -7.93 -27.97 -1.79
CA PHE A 165 -7.31 -27.42 -2.99
C PHE A 165 -6.65 -28.53 -3.81
N ASP A 166 -5.94 -29.44 -3.14
CA ASP A 166 -5.36 -30.59 -3.82
C ASP A 166 -6.43 -31.33 -4.62
N HIS A 167 -7.60 -31.54 -4.02
CA HIS A 167 -8.67 -32.28 -4.66
C HIS A 167 -9.20 -31.56 -5.90
N GLU A 168 -9.47 -30.27 -5.77
CA GLU A 168 -10.09 -29.52 -6.86
C GLU A 168 -9.15 -29.35 -8.04
N ILE A 169 -7.88 -29.03 -7.78
CA ILE A 169 -6.97 -28.76 -8.88
C ILE A 169 -6.46 -30.07 -9.48
N ASN A 170 -6.08 -31.02 -8.63
CA ASN A 170 -5.40 -32.21 -9.10
C ASN A 170 -6.32 -33.40 -9.37
N THR A 171 -7.36 -33.62 -8.59
CA THR A 171 -8.30 -34.72 -8.80
C THR A 171 -9.43 -34.33 -9.77
N VAL A 172 -10.16 -33.26 -9.46
CA VAL A 172 -11.26 -32.84 -10.33
C VAL A 172 -10.74 -32.35 -11.67
N LEU A 173 -9.82 -31.37 -11.66
CA LEU A 173 -9.38 -30.68 -12.89
C LEU A 173 -8.31 -31.40 -13.70
N GLY A 174 -7.63 -32.38 -13.12
CA GLY A 174 -6.58 -33.06 -13.85
C GLY A 174 -5.19 -32.49 -13.78
N GLY A 175 -4.92 -31.57 -12.86
CA GLY A 175 -3.54 -31.16 -12.68
C GLY A 175 -3.14 -30.13 -13.72
N ILE A 176 -1.83 -29.96 -13.88
CA ILE A 176 -1.28 -28.90 -14.71
C ILE A 176 -0.47 -29.54 -15.83
N GLU A 177 -0.77 -29.16 -17.07
CA GLU A 177 -0.06 -29.70 -18.22
C GLU A 177 1.34 -29.09 -18.32
N GLY A 178 2.36 -29.93 -18.36
CA GLY A 178 3.72 -29.46 -18.50
C GLY A 178 4.09 -29.15 -19.94
N THR A 179 5.25 -28.53 -20.11
CA THR A 179 5.77 -28.34 -21.46
C THR A 179 6.05 -29.68 -22.14
N ASP A 180 6.16 -30.75 -21.36
CA ASP A 180 6.31 -32.09 -21.90
C ASP A 180 4.97 -32.75 -22.18
N GLY A 181 3.87 -32.01 -22.02
CA GLY A 181 2.54 -32.54 -22.25
C GLY A 181 2.01 -33.42 -21.14
N VAL A 182 2.74 -33.57 -20.05
CA VAL A 182 2.33 -34.42 -18.94
C VAL A 182 1.49 -33.56 -18.00
N ARG A 183 0.30 -34.05 -17.64
CA ARG A 183 -0.57 -33.36 -16.69
C ARG A 183 -0.15 -33.81 -15.29
N ARG A 184 0.36 -32.88 -14.50
CA ARG A 184 0.98 -33.18 -13.23
C ARG A 184 0.19 -32.61 -12.07
N LYS A 185 0.33 -33.26 -10.90
CA LYS A 185 -0.11 -32.68 -9.65
C LYS A 185 0.62 -31.37 -9.45
N ALA A 186 -0.14 -30.29 -9.28
CA ALA A 186 0.46 -29.06 -8.81
C ALA A 186 0.84 -29.24 -7.36
N ARG A 187 2.00 -28.76 -6.99
CA ARG A 187 2.32 -28.65 -5.59
C ARG A 187 1.45 -27.55 -4.98
N ILE A 188 0.79 -27.84 -3.86
CA ILE A 188 0.02 -26.84 -3.13
C ILE A 188 0.83 -26.45 -1.90
N ALA A 189 1.00 -25.15 -1.68
CA ALA A 189 1.73 -24.68 -0.51
C ALA A 189 1.00 -23.52 0.13
N LEU A 190 1.16 -23.42 1.46
CA LEU A 190 0.61 -22.31 2.21
C LEU A 190 1.47 -21.06 2.06
N LEU A 191 0.81 -19.90 2.02
CA LEU A 191 1.47 -18.61 2.08
C LEU A 191 1.01 -17.87 3.32
N ALA A 192 1.95 -17.51 4.19
CA ALA A 192 1.59 -16.95 5.48
C ALA A 192 2.72 -16.03 5.95
N GLY A 193 2.39 -15.16 6.89
CA GLY A 193 3.40 -14.37 7.54
C GLY A 193 4.08 -15.15 8.64
N ALA A 194 5.04 -14.49 9.28
CA ALA A 194 5.86 -15.17 10.29
C ALA A 194 5.04 -15.62 11.47
N ASP A 195 3.97 -14.89 11.80
CA ASP A 195 3.15 -15.24 12.94
C ASP A 195 2.56 -16.65 12.80
N LEU A 196 2.32 -17.10 11.58
CA LEU A 196 1.76 -18.43 11.39
C LEU A 196 2.75 -19.52 11.78
N ILE A 197 4.04 -19.37 11.45
CA ILE A 197 5.02 -20.37 11.86
C ILE A 197 5.15 -20.40 13.38
N MET A 198 5.15 -19.22 14.01
CA MET A 198 5.22 -19.18 15.47
C MET A 198 4.00 -19.83 16.08
N SER A 199 2.83 -19.64 15.47
CA SER A 199 1.63 -20.33 15.95
C SER A 199 1.76 -21.84 15.79
N MET A 200 2.34 -22.29 14.67
CA MET A 200 2.48 -23.73 14.43
C MET A 200 3.45 -24.40 15.38
N SER A 201 4.39 -23.63 15.95
CA SER A 201 5.39 -24.24 16.82
C SER A 201 4.97 -24.28 18.27
N GLU A 202 3.95 -23.55 18.64
CA GLU A 202 3.45 -23.62 20.00
C GLU A 202 2.40 -24.70 20.12
N PRO A 203 2.58 -25.67 21.00
CA PRO A 203 1.57 -26.71 21.18
C PRO A 203 0.25 -26.11 21.65
N GLY A 204 -0.84 -26.74 21.22
CA GLY A 204 -2.19 -26.37 21.61
C GLY A 204 -3.14 -26.05 20.46
N LEU A 205 -2.66 -25.37 19.43
CA LEU A 205 -3.52 -25.04 18.29
C LEU A 205 -3.42 -26.03 17.15
N TRP A 206 -2.27 -26.68 16.96
CA TRP A 206 -2.06 -27.59 15.84
C TRP A 206 -1.80 -29.02 16.32
N SER A 207 -2.65 -29.95 15.89
CA SER A 207 -2.42 -31.37 16.19
C SER A 207 -1.19 -31.89 15.44
N PRO A 208 -0.44 -32.80 16.05
CA PRO A 208 0.74 -33.34 15.34
C PRO A 208 0.43 -33.96 13.99
N THR A 209 -0.73 -34.61 13.83
CA THR A 209 -1.05 -35.24 12.55
C THR A 209 -1.30 -34.21 11.47
N ASP A 210 -1.97 -33.11 11.81
CA ASP A 210 -2.19 -32.04 10.84
C ASP A 210 -0.88 -31.36 10.46
N LEU A 211 -0.03 -31.06 11.46
CA LEU A 211 1.26 -30.45 11.17
C LEU A 211 2.06 -31.32 10.22
N ASP A 212 2.01 -32.63 10.42
CA ASP A 212 2.73 -33.56 9.54
C ASP A 212 2.17 -33.50 8.12
N VAL A 213 0.84 -33.54 8.00
CA VAL A 213 0.23 -33.42 6.68
C VAL A 213 0.58 -32.08 6.05
N ILE A 214 0.33 -30.99 6.77
CA ILE A 214 0.53 -29.66 6.22
C ILE A 214 1.95 -29.47 5.73
N LEU A 215 2.93 -29.83 6.56
CA LEU A 215 4.31 -29.48 6.25
C LEU A 215 5.05 -30.55 5.46
N SER A 216 4.67 -31.82 5.54
CA SER A 216 5.35 -32.83 4.74
C SER A 216 4.72 -33.01 3.38
N GLN A 217 3.42 -32.85 3.25
CA GLN A 217 2.76 -33.08 1.98
C GLN A 217 2.55 -31.79 1.19
N TYR A 218 2.51 -30.65 1.87
CA TYR A 218 2.20 -29.42 1.14
C TYR A 218 3.35 -28.43 1.27
N GLY A 219 3.41 -27.70 2.37
CA GLY A 219 4.50 -26.80 2.62
C GLY A 219 4.00 -25.39 2.92
N ALA A 220 4.97 -24.53 3.24
CA ALA A 220 4.65 -23.17 3.65
C ALA A 220 5.74 -22.21 3.21
N PHE A 221 5.34 -21.14 2.52
CA PHE A 221 6.19 -20.01 2.26
C PHE A 221 5.88 -18.95 3.30
N ILE A 222 6.91 -18.51 4.01
CA ILE A 222 6.75 -17.68 5.20
C ILE A 222 7.41 -16.33 4.95
N ILE A 223 6.63 -15.26 5.03
CA ILE A 223 7.20 -13.92 4.89
C ILE A 223 7.74 -13.49 6.25
N GLU A 224 9.04 -13.18 6.30
CA GLU A 224 9.71 -12.73 7.52
C GLU A 224 10.17 -11.29 7.35
N ARG A 225 9.76 -10.42 8.29
CA ARG A 225 10.18 -9.02 8.28
C ARG A 225 11.02 -8.70 9.52
N SER A 226 11.64 -7.52 9.49
CA SER A 226 12.49 -7.07 10.58
C SER A 226 11.72 -6.99 11.89
N GLY A 227 12.40 -7.32 12.97
CA GLY A 227 11.81 -7.33 14.29
C GLY A 227 11.22 -8.67 14.66
N THR A 228 10.73 -9.41 13.67
CA THR A 228 10.17 -10.72 13.95
C THR A 228 11.32 -11.72 14.05
N ASP A 229 11.36 -12.44 15.15
CA ASP A 229 12.40 -13.42 15.42
C ASP A 229 11.70 -14.77 15.47
N ILE A 230 11.76 -15.49 14.37
CA ILE A 230 11.11 -16.78 14.23
C ILE A 230 12.11 -17.92 14.38
N GLU A 231 13.29 -17.64 14.95
CA GLU A 231 14.34 -18.64 14.99
C GLU A 231 13.95 -19.85 15.83
N GLU A 232 13.35 -19.60 16.99
CA GLU A 232 12.96 -20.69 17.87
C GLU A 232 11.86 -21.55 17.25
N ALA A 233 10.92 -20.91 16.55
CA ALA A 233 9.84 -21.66 15.91
C ALA A 233 10.36 -22.57 14.80
N LEU A 234 11.35 -22.11 14.03
CA LEU A 234 11.93 -23.00 13.02
C LEU A 234 12.67 -24.14 13.68
N ALA A 235 13.31 -23.88 14.82
CA ALA A 235 14.04 -24.91 15.52
C ALA A 235 13.10 -26.02 15.96
N SER A 236 11.99 -25.64 16.60
CA SER A 236 11.03 -26.64 17.03
C SER A 236 10.38 -27.38 15.86
N LEU A 237 10.44 -26.82 14.65
CA LEU A 237 9.82 -27.41 13.46
C LEU A 237 10.82 -27.97 12.44
N ARG A 238 12.13 -27.98 12.74
CA ARG A 238 13.08 -28.28 11.65
C ARG A 238 12.98 -29.68 11.08
N GLN A 239 12.18 -30.59 11.65
CA GLN A 239 11.99 -31.86 10.96
C GLN A 239 11.26 -31.68 9.64
N TYR A 240 10.56 -30.56 9.45
CA TYR A 240 9.96 -30.21 8.17
C TYR A 240 10.72 -29.11 7.42
N GLU A 241 11.94 -28.75 7.86
CA GLU A 241 12.65 -27.59 7.33
C GLU A 241 12.84 -27.61 5.82
N ASN A 242 12.50 -28.69 5.13
CA ASN A 242 12.69 -28.74 3.69
C ASN A 242 11.44 -28.34 2.91
N ASN A 243 10.27 -28.33 3.56
CA ASN A 243 9.08 -27.75 2.95
C ASN A 243 8.69 -26.43 3.61
N ILE A 244 9.66 -25.70 4.14
CA ILE A 244 9.44 -24.40 4.76
C ILE A 244 10.40 -23.45 4.05
N TRP A 245 9.84 -22.49 3.33
CA TRP A 245 10.63 -21.50 2.64
C TRP A 245 10.39 -20.16 3.33
N VAL A 246 11.47 -19.55 3.82
CA VAL A 246 11.42 -18.26 4.49
C VAL A 246 11.82 -17.18 3.49
N ILE A 247 10.94 -16.19 3.33
CA ILE A 247 11.11 -15.12 2.36
C ILE A 247 11.35 -13.83 3.13
N SER A 248 12.52 -13.24 2.92
CA SER A 248 12.83 -11.97 3.58
C SER A 248 11.96 -10.87 2.97
N GLN A 249 11.35 -10.05 3.84
CA GLN A 249 10.57 -8.91 3.40
C GLN A 249 11.51 -7.72 3.35
N VAL A 250 11.81 -7.26 2.14
CA VAL A 250 12.82 -6.23 1.97
C VAL A 250 12.30 -4.87 2.44
N ILE A 251 11.10 -4.50 2.02
CA ILE A 251 10.49 -3.23 2.42
C ILE A 251 9.64 -3.45 3.66
N GLN A 252 9.99 -2.75 4.74
CA GLN A 252 9.21 -2.88 5.97
C GLN A 252 7.80 -2.31 5.75
N ASN A 253 6.81 -3.06 6.21
CA ASN A 253 5.40 -2.79 5.96
C ASN A 253 4.62 -3.69 6.90
N ASP A 254 4.03 -3.15 7.98
CA ASP A 254 3.42 -4.00 9.00
C ASP A 254 1.94 -3.70 9.23
N ILE A 255 1.22 -3.24 8.22
CA ILE A 255 -0.19 -2.94 8.39
C ILE A 255 -0.97 -4.23 8.66
N SER A 256 -1.71 -4.24 9.76
CA SER A 256 -2.55 -5.37 10.14
C SER A 256 -4.03 -5.03 9.92
N SER A 257 -4.86 -6.06 9.74
CA SER A 257 -6.30 -5.87 9.71
C SER A 257 -6.83 -5.26 11.01
N THR A 258 -6.22 -5.60 12.14
CA THR A 258 -6.68 -5.07 13.42
C THR A 258 -6.52 -3.56 13.48
N LYS A 259 -5.40 -3.04 12.98
CA LYS A 259 -5.22 -1.61 12.94
C LYS A 259 -6.25 -0.97 12.01
N VAL A 260 -6.56 -1.65 10.89
CA VAL A 260 -7.52 -1.09 9.95
C VAL A 260 -8.91 -0.97 10.58
N ARG A 261 -9.34 -1.98 11.34
CA ARG A 261 -10.64 -1.91 12.01
C ARG A 261 -10.65 -0.81 13.05
N LEU A 262 -9.56 -0.68 13.81
CA LEU A 262 -9.45 0.40 14.78
C LEU A 262 -9.62 1.76 14.11
N PHE A 263 -8.89 2.00 13.01
CA PHE A 263 -9.02 3.27 12.29
C PHE A 263 -10.46 3.51 11.84
N LEU A 264 -11.13 2.46 11.34
CA LEU A 264 -12.50 2.61 10.89
C LEU A 264 -13.41 3.01 12.05
N ARG A 265 -13.17 2.44 13.23
CA ARG A 265 -13.95 2.81 14.41
C ARG A 265 -13.68 4.24 14.87
N LYS A 266 -12.43 4.70 14.77
CA LYS A 266 -12.09 6.05 15.20
C LYS A 266 -12.25 7.09 14.09
N ASP A 267 -12.83 6.71 12.96
CA ASP A 267 -13.04 7.62 11.83
C ASP A 267 -11.71 8.21 11.33
N LEU A 268 -10.66 7.39 11.36
CA LEU A 268 -9.39 7.72 10.73
C LEU A 268 -9.35 7.12 9.34
N SER A 269 -8.54 7.69 8.47
CA SER A 269 -8.54 7.22 7.09
C SER A 269 -7.85 5.87 6.96
N VAL A 270 -8.41 5.01 6.11
CA VAL A 270 -7.73 3.77 5.74
C VAL A 270 -7.39 3.74 4.27
N ARG A 271 -7.54 4.88 3.58
CA ARG A 271 -7.17 4.92 2.17
C ARG A 271 -5.67 4.67 2.02
N TYR A 272 -5.31 3.86 1.01
CA TYR A 272 -3.94 3.47 0.71
C TYR A 272 -3.37 2.44 1.68
N LEU A 273 -4.16 1.96 2.64
CA LEU A 273 -3.80 0.78 3.44
C LEU A 273 -4.47 -0.47 2.93
N ILE A 274 -5.65 -0.31 2.34
CA ILE A 274 -6.43 -1.39 1.73
C ILE A 274 -6.97 -0.88 0.41
N PRO A 275 -7.36 -1.78 -0.49
CA PRO A 275 -7.76 -1.35 -1.84
C PRO A 275 -9.00 -0.46 -1.83
N ASP A 276 -9.03 0.51 -2.76
CA ASP A 276 -10.19 1.40 -2.92
C ASP A 276 -11.53 0.68 -3.01
N PRO A 277 -11.71 -0.37 -3.82
CA PRO A 277 -13.02 -1.04 -3.84
C PRO A 277 -13.38 -1.66 -2.50
N VAL A 278 -12.39 -2.00 -1.67
CA VAL A 278 -12.70 -2.50 -0.34
C VAL A 278 -13.13 -1.36 0.59
N VAL A 279 -12.47 -0.20 0.48
CA VAL A 279 -12.93 0.98 1.22
C VAL A 279 -14.39 1.27 0.88
N ASP A 280 -14.72 1.24 -0.40
CA ASP A 280 -16.09 1.54 -0.81
C ASP A 280 -17.06 0.47 -0.31
N TYR A 281 -16.67 -0.80 -0.38
CA TYR A 281 -17.54 -1.87 0.11
C TYR A 281 -17.82 -1.71 1.59
N ILE A 282 -16.78 -1.40 2.37
CA ILE A 282 -16.93 -1.24 3.81
C ILE A 282 -17.86 -0.06 4.11
N GLU A 283 -17.75 1.01 3.33
CA GLU A 283 -18.62 2.16 3.53
C GLU A 283 -20.03 1.86 3.07
N GLU A 284 -20.19 1.19 1.92
CA GLU A 284 -21.50 0.89 1.39
C GLU A 284 -22.32 0.02 2.34
N HIS A 285 -21.67 -0.91 3.06
CA HIS A 285 -22.37 -1.85 3.93
C HIS A 285 -22.19 -1.55 5.41
N GLY A 286 -21.53 -0.46 5.77
CA GLY A 286 -21.36 -0.09 7.16
C GLY A 286 -20.60 -1.10 8.00
N LEU A 287 -19.59 -1.74 7.43
CA LEU A 287 -18.89 -2.78 8.18
C LEU A 287 -17.96 -2.14 9.22
N TYR A 288 -17.71 -2.90 10.29
CA TYR A 288 -16.76 -2.53 11.34
C TYR A 288 -17.16 -1.24 12.05
N GLN A 289 -18.47 -0.99 12.13
CA GLN A 289 -19.06 0.17 12.83
C GLN A 289 -18.31 1.49 12.57
N MET B 44 -6.17 25.75 -21.35
CA MET B 44 -6.01 24.94 -22.55
C MET B 44 -4.59 24.39 -22.65
N ASP B 45 -3.95 24.62 -23.79
CA ASP B 45 -2.50 24.42 -23.86
C ASP B 45 -1.78 25.29 -22.86
N SER B 46 -2.40 26.40 -22.44
CA SER B 46 -1.77 27.22 -21.43
C SER B 46 -2.15 26.66 -20.07
N TYR B 47 -1.31 26.96 -19.08
CA TYR B 47 -1.42 26.34 -17.76
C TYR B 47 -2.66 26.82 -17.02
N THR B 48 -3.37 25.88 -16.40
CA THR B 48 -4.54 26.19 -15.58
C THR B 48 -4.34 25.64 -14.17
N PHE B 49 -4.50 26.49 -13.16
CA PHE B 49 -4.34 26.05 -11.79
C PHE B 49 -5.45 25.09 -11.40
N PRO B 50 -5.16 23.86 -10.98
CA PRO B 50 -6.23 22.88 -10.72
C PRO B 50 -6.99 23.22 -9.45
N ILE B 51 -8.32 23.17 -9.53
CA ILE B 51 -9.17 23.52 -8.40
C ILE B 51 -10.33 22.56 -8.30
N HIS B 52 -10.29 21.47 -9.07
CA HIS B 52 -11.47 20.61 -9.18
C HIS B 52 -11.79 19.87 -7.88
N LYS B 53 -10.84 19.78 -6.94
CA LYS B 53 -11.13 19.17 -5.64
C LYS B 53 -10.86 20.14 -4.50
N LEU B 54 -10.73 21.43 -4.81
CA LEU B 54 -10.41 22.43 -3.80
C LEU B 54 -11.67 22.83 -3.05
N LYS B 55 -11.65 22.64 -1.73
CA LYS B 55 -12.76 23.05 -0.87
C LYS B 55 -12.58 24.54 -0.54
N ARG B 56 -13.43 25.39 -1.10
CA ARG B 56 -13.35 26.83 -0.90
C ARG B 56 -14.38 27.34 0.10
N ARG B 57 -15.22 26.45 0.61
CA ARG B 57 -16.18 26.75 1.66
C ARG B 57 -15.89 25.83 2.83
N GLN B 58 -15.59 26.42 3.99
CA GLN B 58 -15.35 25.60 5.18
C GLN B 58 -16.65 24.98 5.68
N SER B 59 -16.52 23.86 6.38
CA SER B 59 -17.65 23.21 7.01
C SER B 59 -17.54 23.21 8.53
N GLN B 60 -16.39 23.60 9.08
CA GLN B 60 -16.16 23.55 10.52
C GLN B 60 -15.96 24.94 11.10
N PRO B 61 -16.72 25.31 12.13
CA PRO B 61 -16.50 26.60 12.78
C PRO B 61 -15.24 26.61 13.62
N GLY B 62 -14.65 27.78 13.75
CA GLY B 62 -13.48 27.97 14.57
C GLY B 62 -12.17 27.43 14.02
N LYS B 63 -12.16 27.01 12.75
CA LYS B 63 -10.97 26.42 12.15
C LYS B 63 -10.35 27.38 11.14
N THR B 64 -9.02 27.41 11.11
CA THR B 64 -8.27 28.11 10.07
C THR B 64 -8.14 27.22 8.83
N PRO B 65 -8.54 27.67 7.64
CA PRO B 65 -8.38 26.83 6.44
C PRO B 65 -6.92 26.58 6.09
N LEU B 66 -6.64 25.35 5.66
CA LEU B 66 -5.28 24.88 5.41
C LEU B 66 -5.21 24.15 4.08
N VAL B 67 -4.14 24.38 3.32
CA VAL B 67 -3.87 23.66 2.09
C VAL B 67 -2.51 23.00 2.24
N LEU B 68 -2.46 21.69 1.98
CA LEU B 68 -1.23 20.93 2.10
C LEU B 68 -0.60 20.79 0.72
N VAL B 69 0.69 21.04 0.63
CA VAL B 69 1.45 20.93 -0.62
C VAL B 69 2.59 19.96 -0.38
N ALA B 70 2.63 18.89 -1.17
CA ALA B 70 3.75 17.96 -1.12
C ALA B 70 4.67 18.26 -2.30
N CYS B 71 5.82 18.86 -2.00
CA CYS B 71 6.88 19.03 -2.99
C CYS B 71 7.79 17.81 -2.93
N GLY B 72 7.94 17.13 -4.06
CA GLY B 72 8.77 15.93 -4.12
C GLY B 72 9.04 15.57 -5.57
N SER B 73 9.86 14.53 -5.74
CA SER B 73 10.16 14.05 -7.09
C SER B 73 9.04 13.22 -7.69
N PHE B 74 8.45 12.32 -6.92
CA PHE B 74 7.40 11.41 -7.39
C PHE B 74 7.86 10.63 -8.64
N SER B 75 8.97 9.93 -8.50
CA SER B 75 9.59 9.20 -9.60
C SER B 75 9.91 7.77 -9.17
N PRO B 76 8.88 6.90 -9.05
CA PRO B 76 7.46 7.17 -9.23
C PRO B 76 6.76 7.41 -7.90
N ILE B 77 5.53 7.91 -7.96
CA ILE B 77 4.75 8.02 -6.75
C ILE B 77 4.48 6.61 -6.19
N THR B 78 4.41 6.51 -4.86
CA THR B 78 4.13 5.24 -4.21
C THR B 78 2.93 5.38 -3.28
N PHE B 79 2.51 4.25 -2.71
CA PHE B 79 1.45 4.26 -1.71
C PHE B 79 1.86 5.02 -0.47
N LEU B 80 3.15 5.08 -0.17
CA LEU B 80 3.58 5.83 1.00
C LEU B 80 3.36 7.33 0.81
N HIS B 81 3.68 7.88 -0.37
CA HIS B 81 3.42 9.29 -0.64
C HIS B 81 1.95 9.63 -0.44
N LEU B 82 1.07 8.74 -0.88
CA LEU B 82 -0.36 8.99 -0.75
C LEU B 82 -0.79 8.85 0.70
N ARG B 83 -0.25 7.84 1.40
CA ARG B 83 -0.57 7.65 2.81
C ARG B 83 -0.20 8.88 3.63
N MET B 84 0.85 9.58 3.23
CA MET B 84 1.29 10.74 4.00
C MET B 84 0.23 11.83 4.02
N PHE B 85 -0.50 12.01 2.91
CA PHE B 85 -1.61 12.95 2.89
C PHE B 85 -2.71 12.51 3.85
N GLU B 86 -3.06 11.21 3.83
CA GLU B 86 -4.11 10.74 4.74
C GLU B 86 -3.68 10.89 6.20
N MET B 87 -2.41 10.61 6.50
CA MET B 87 -1.93 10.79 7.87
C MET B 87 -1.99 12.25 8.29
N ALA B 88 -1.61 13.16 7.38
CA ALA B 88 -1.68 14.58 7.67
C ALA B 88 -3.12 15.02 7.88
N SER B 89 -4.03 14.50 7.05
CA SER B 89 -5.46 14.80 7.24
C SER B 89 -5.92 14.34 8.62
N ASP B 90 -5.58 13.11 9.00
CA ASP B 90 -5.94 12.61 10.33
C ASP B 90 -5.37 13.51 11.42
N PHE B 91 -4.10 13.90 11.28
CA PHE B 91 -3.48 14.74 12.30
C PHE B 91 -4.18 16.09 12.39
N VAL B 92 -4.44 16.72 11.24
CA VAL B 92 -5.04 18.04 11.27
C VAL B 92 -6.41 18.00 11.94
N ARG B 93 -7.22 17.01 11.57
CA ARG B 93 -8.58 16.93 12.09
C ARG B 93 -8.59 16.84 13.62
N PHE B 94 -7.69 16.06 14.20
CA PHE B 94 -7.79 15.70 15.61
C PHE B 94 -6.75 16.37 16.51
N ASN B 95 -5.80 17.13 15.97
CA ASN B 95 -4.73 17.68 16.78
C ASN B 95 -4.46 19.15 16.56
N THR B 96 -5.17 19.80 15.64
CA THR B 96 -4.91 21.19 15.31
C THR B 96 -6.24 21.94 15.22
N ASP B 97 -6.13 23.25 15.03
CA ASP B 97 -7.28 24.09 14.74
C ASP B 97 -7.35 24.47 13.28
N PHE B 98 -6.78 23.64 12.42
CA PHE B 98 -6.86 23.81 10.98
C PHE B 98 -8.01 23.00 10.42
N GLU B 99 -8.50 23.43 9.25
CA GLU B 99 -9.41 22.61 8.44
C GLU B 99 -8.78 22.43 7.07
N VAL B 100 -8.58 21.17 6.67
CA VAL B 100 -7.93 20.88 5.40
C VAL B 100 -8.87 21.21 4.25
N CYS B 101 -8.37 22.00 3.29
CA CYS B 101 -9.18 22.37 2.14
C CYS B 101 -8.73 21.72 0.84
N ALA B 102 -7.50 21.21 0.78
CA ALA B 102 -7.01 20.54 -0.41
C ALA B 102 -5.66 19.92 -0.10
N GLY B 103 -5.31 18.90 -0.88
CA GLY B 103 -3.97 18.36 -0.88
C GLY B 103 -3.40 18.40 -2.29
N TYR B 104 -2.22 18.98 -2.46
CA TYR B 104 -1.63 19.13 -3.78
C TYR B 104 -0.30 18.40 -3.87
N LEU B 105 -0.15 17.61 -4.92
CA LEU B 105 1.14 17.03 -5.28
C LEU B 105 1.79 17.96 -6.29
N SER B 106 3.05 18.30 -6.06
CA SER B 106 3.78 19.23 -6.91
C SER B 106 5.08 18.54 -7.33
N PRO B 107 5.05 17.77 -8.42
CA PRO B 107 6.27 17.10 -8.88
C PRO B 107 7.30 18.13 -9.31
N VAL B 108 8.55 17.87 -8.94
CA VAL B 108 9.65 18.82 -9.14
C VAL B 108 10.01 18.93 -10.61
N SER B 109 10.65 20.05 -10.96
CA SER B 109 11.09 20.30 -12.33
C SER B 109 12.16 19.30 -12.76
N ASP B 110 12.16 18.95 -14.05
CA ASP B 110 13.22 18.08 -14.56
C ASP B 110 14.60 18.69 -14.37
N ALA B 111 14.68 20.00 -14.16
CA ALA B 111 15.97 20.65 -13.94
C ALA B 111 16.56 20.30 -12.58
N TYR B 112 15.79 19.68 -11.70
CA TYR B 112 16.32 19.24 -10.42
C TYR B 112 17.49 18.28 -10.64
N LYS B 113 17.44 17.52 -11.73
CA LYS B 113 18.55 16.66 -12.18
C LYS B 113 19.07 15.76 -11.05
N LYS B 114 18.33 14.69 -10.86
CA LYS B 114 18.64 13.69 -9.84
C LYS B 114 18.54 12.33 -10.49
N ALA B 115 19.24 11.37 -9.91
CA ALA B 115 19.22 10.05 -10.49
C ALA B 115 17.83 9.46 -10.30
N GLY B 116 17.38 8.72 -11.31
CA GLY B 116 16.07 8.10 -11.30
C GLY B 116 14.91 9.04 -11.55
N LEU B 117 15.14 10.27 -12.01
CA LEU B 117 14.06 11.23 -12.22
C LEU B 117 13.51 11.06 -13.62
N ALA B 118 12.32 10.46 -13.74
CA ALA B 118 11.68 10.29 -15.03
C ALA B 118 11.23 11.65 -15.57
N PRO B 119 10.89 11.74 -16.86
CA PRO B 119 10.41 13.01 -17.41
C PRO B 119 9.20 13.56 -16.68
N GLY B 120 9.15 14.90 -16.59
CA GLY B 120 8.12 15.54 -15.79
C GLY B 120 6.72 15.20 -16.26
N HIS B 121 6.49 15.21 -17.57
CA HIS B 121 5.14 14.93 -18.05
C HIS B 121 4.72 13.51 -17.70
N HIS B 122 5.68 12.58 -17.61
CA HIS B 122 5.36 11.23 -17.17
C HIS B 122 4.98 11.21 -15.70
N ARG B 123 5.78 11.88 -14.87
CA ARG B 123 5.49 11.89 -13.43
C ARG B 123 4.16 12.56 -13.15
N VAL B 124 3.84 13.62 -13.90
CA VAL B 124 2.53 14.25 -13.74
C VAL B 124 1.43 13.27 -14.11
N ASN B 125 1.61 12.54 -15.20
CA ASN B 125 0.57 11.59 -15.60
C ASN B 125 0.43 10.48 -14.56
N MET B 126 1.55 10.00 -14.00
CA MET B 126 1.46 8.95 -12.99
C MET B 126 0.76 9.46 -11.74
N CYS B 127 1.14 10.65 -11.26
CA CYS B 127 0.47 11.21 -10.10
C CYS B 127 -1.01 11.45 -10.39
N SER B 128 -1.35 11.97 -11.57
CA SER B 128 -2.73 12.28 -11.88
C SER B 128 -3.60 11.02 -11.85
N ARG B 129 -3.12 9.93 -12.45
CA ARG B 129 -3.90 8.71 -12.45
C ARG B 129 -3.97 8.11 -11.05
N ALA B 130 -2.87 8.21 -10.30
CA ALA B 130 -2.85 7.70 -8.94
C ALA B 130 -3.89 8.38 -8.08
N VAL B 131 -4.15 9.65 -8.35
CA VAL B 131 -4.95 10.48 -7.46
C VAL B 131 -6.35 10.75 -8.01
N GLU B 132 -6.63 10.33 -9.25
CA GLU B 132 -7.98 10.45 -9.79
C GLU B 132 -9.07 9.87 -8.90
N PRO B 133 -8.93 8.70 -8.27
CA PRO B 133 -10.00 8.21 -7.37
C PRO B 133 -10.11 8.95 -6.05
N SER B 134 -9.14 9.85 -5.72
CA SER B 134 -9.15 10.53 -4.43
C SER B 134 -10.21 11.63 -4.41
N PRO B 135 -10.86 11.84 -3.25
CA PRO B 135 -11.84 12.93 -3.16
C PRO B 135 -11.23 14.30 -2.97
N TRP B 136 -9.95 14.39 -2.60
CA TRP B 136 -9.37 15.68 -2.25
C TRP B 136 -7.93 15.92 -2.71
N LEU B 137 -7.31 15.00 -3.43
CA LEU B 137 -5.93 15.20 -3.83
C LEU B 137 -5.87 15.56 -5.30
N MET B 138 -4.96 16.47 -5.64
CA MET B 138 -4.81 16.96 -7.00
C MET B 138 -3.34 17.08 -7.32
N VAL B 139 -3.03 17.10 -8.61
CA VAL B 139 -1.65 17.24 -9.09
C VAL B 139 -1.54 18.62 -9.74
N ASP B 140 -0.48 19.36 -9.38
CA ASP B 140 -0.24 20.66 -9.98
C ASP B 140 1.00 20.59 -10.85
N PRO B 141 0.87 20.64 -12.17
CA PRO B 141 2.04 20.52 -13.06
C PRO B 141 2.91 21.77 -13.14
N TYR B 142 2.64 22.76 -12.31
CA TYR B 142 3.30 24.07 -12.42
C TYR B 142 4.82 23.92 -12.50
N GLU B 143 5.42 23.22 -11.52
CA GLU B 143 6.88 23.10 -11.51
C GLU B 143 7.41 22.41 -12.77
N THR B 144 6.75 21.33 -13.21
CA THR B 144 7.25 20.64 -14.40
C THR B 144 7.04 21.44 -15.68
N LEU B 145 6.20 22.49 -15.66
CA LEU B 145 5.95 23.28 -16.84
C LEU B 145 6.80 24.54 -16.92
N ASN B 146 7.54 24.86 -15.86
CA ASN B 146 8.37 26.05 -15.84
C ASN B 146 9.52 25.94 -16.82
N ARG B 147 9.74 27.01 -17.57
CA ARG B 147 10.74 27.02 -18.63
C ARG B 147 11.46 28.34 -18.61
N ASN B 148 12.73 28.31 -19.00
CA ASN B 148 13.43 29.54 -19.21
C ASN B 148 13.21 30.00 -20.65
N GLU B 149 14.00 31.02 -20.93
CA GLU B 149 14.15 31.69 -22.20
C GLU B 149 14.52 30.70 -23.30
N ARG B 150 15.35 29.72 -22.96
CA ARG B 150 15.76 28.72 -23.92
C ARG B 150 14.76 27.58 -24.03
N GLY B 151 13.59 27.68 -23.41
CA GLY B 151 12.67 26.58 -23.51
C GLY B 151 13.05 25.37 -22.69
N GLU B 152 14.19 25.45 -21.96
CA GLU B 152 14.66 24.38 -21.09
C GLU B 152 13.86 24.34 -19.80
N PRO B 153 13.76 23.19 -19.16
CA PRO B 153 13.18 23.15 -17.82
C PRO B 153 14.00 24.06 -16.89
N GLU B 154 13.29 24.82 -16.08
CA GLU B 154 13.90 25.72 -15.10
C GLU B 154 13.40 25.34 -13.71
N TYR B 155 14.33 25.14 -12.78
CA TYR B 155 14.00 24.70 -11.44
C TYR B 155 13.25 25.77 -10.66
N VAL B 156 12.23 25.37 -9.89
CA VAL B 156 11.48 26.30 -9.04
C VAL B 156 11.80 25.96 -7.59
N PRO B 157 12.49 26.84 -6.84
CA PRO B 157 12.71 26.57 -5.41
C PRO B 157 11.38 26.46 -4.67
N THR B 158 11.38 25.65 -3.61
CA THR B 158 10.14 25.30 -2.92
C THR B 158 9.46 26.53 -2.32
N ALA B 159 10.25 27.48 -1.80
CA ALA B 159 9.67 28.73 -1.30
C ALA B 159 8.83 29.44 -2.38
N LYS B 160 9.30 29.44 -3.64
CA LYS B 160 8.52 30.05 -4.71
C LYS B 160 7.32 29.20 -5.06
N VAL B 161 7.41 27.88 -4.86
CA VAL B 161 6.23 27.04 -5.08
C VAL B 161 5.12 27.40 -4.11
N LEU B 162 5.46 27.58 -2.82
CA LEU B 162 4.45 27.93 -1.84
C LEU B 162 3.85 29.30 -2.15
N ARG B 163 4.69 30.25 -2.55
CA ARG B 163 4.19 31.55 -2.95
C ARG B 163 3.22 31.43 -4.13
N HIS B 164 3.52 30.51 -5.05
CA HIS B 164 2.63 30.27 -6.17
C HIS B 164 1.27 29.76 -5.69
N PHE B 165 1.25 28.81 -4.75
CA PHE B 165 -0.03 28.34 -4.22
C PHE B 165 -0.77 29.44 -3.48
N ASP B 166 -0.05 30.21 -2.67
CA ASP B 166 -0.61 31.37 -1.99
C ASP B 166 -1.26 32.31 -3.00
N HIS B 167 -0.56 32.58 -4.09
CA HIS B 167 -1.06 33.50 -5.10
C HIS B 167 -2.33 32.97 -5.76
N GLU B 168 -2.32 31.69 -6.16
CA GLU B 168 -3.47 31.14 -6.88
C GLU B 168 -4.70 31.00 -5.99
N ILE B 169 -4.50 30.55 -4.74
CA ILE B 169 -5.64 30.26 -3.87
C ILE B 169 -6.18 31.53 -3.21
N ASN B 170 -5.29 32.37 -2.68
CA ASN B 170 -5.72 33.51 -1.90
C ASN B 170 -5.86 34.79 -2.70
N THR B 171 -4.96 35.05 -3.65
CA THR B 171 -5.03 36.29 -4.43
C THR B 171 -5.98 36.13 -5.61
N VAL B 172 -5.70 35.17 -6.48
CA VAL B 172 -6.51 34.98 -7.66
C VAL B 172 -7.94 34.55 -7.29
N LEU B 173 -8.07 33.50 -6.49
CA LEU B 173 -9.38 32.94 -6.18
C LEU B 173 -10.07 33.66 -5.04
N GLY B 174 -9.36 34.45 -4.26
CA GLY B 174 -9.98 35.20 -3.18
C GLY B 174 -10.11 34.48 -1.85
N GLY B 175 -9.45 33.34 -1.66
CA GLY B 175 -9.40 32.70 -0.37
C GLY B 175 -10.55 31.74 -0.11
N ILE B 176 -10.75 31.47 1.19
CA ILE B 176 -11.66 30.44 1.68
C ILE B 176 -12.70 31.08 2.57
N GLU B 177 -13.97 30.81 2.31
CA GLU B 177 -15.03 31.35 3.16
C GLU B 177 -15.22 30.50 4.40
N GLY B 178 -15.20 31.16 5.58
CA GLY B 178 -15.47 30.44 6.81
C GLY B 178 -16.97 30.23 7.01
N THR B 179 -17.31 29.41 8.01
CA THR B 179 -18.73 29.20 8.32
C THR B 179 -19.41 30.48 8.81
N ASP B 180 -18.64 31.47 9.23
CA ASP B 180 -19.18 32.77 9.61
C ASP B 180 -19.37 33.70 8.43
N GLY B 181 -19.14 33.21 7.21
CA GLY B 181 -19.25 34.01 6.01
C GLY B 181 -18.09 34.92 5.73
N VAL B 182 -17.03 34.87 6.54
CA VAL B 182 -15.87 35.73 6.37
C VAL B 182 -14.84 35.03 5.48
N ARG B 183 -14.34 35.74 4.48
CA ARG B 183 -13.33 35.23 3.59
C ARG B 183 -11.94 35.40 4.19
N ARG B 184 -11.23 34.27 4.36
CA ARG B 184 -9.89 34.27 4.93
C ARG B 184 -8.88 33.64 3.97
N LYS B 185 -7.63 34.08 4.09
CA LYS B 185 -6.50 33.43 3.45
C LYS B 185 -6.33 32.01 4.00
N ALA B 186 -6.23 31.03 3.11
CA ALA B 186 -5.80 29.71 3.54
C ALA B 186 -4.33 29.73 3.95
N ARG B 187 -4.02 29.08 5.06
CA ARG B 187 -2.64 28.79 5.38
C ARG B 187 -2.15 27.73 4.41
N ILE B 188 -1.02 27.97 3.76
CA ILE B 188 -0.37 26.98 2.89
C ILE B 188 0.79 26.37 3.67
N ALA B 189 0.87 25.04 3.69
CA ALA B 189 1.96 24.39 4.41
C ALA B 189 2.48 23.20 3.63
N LEU B 190 3.78 22.97 3.80
CA LEU B 190 4.47 21.85 3.19
C LEU B 190 4.12 20.55 3.92
N LEU B 191 3.98 19.47 3.17
CA LEU B 191 3.84 18.14 3.72
C LEU B 191 5.07 17.36 3.31
N ALA B 192 5.81 16.84 4.28
CA ALA B 192 7.09 16.25 3.93
C ALA B 192 7.47 15.09 4.85
N GLY B 193 8.27 14.18 4.30
CA GLY B 193 8.92 13.14 5.06
C GLY B 193 10.23 13.63 5.63
N ALA B 194 10.90 12.73 6.37
CA ALA B 194 12.10 13.09 7.09
C ALA B 194 13.28 13.40 6.18
N ASP B 195 13.39 12.73 5.02
CA ASP B 195 14.52 12.99 4.15
C ASP B 195 14.54 14.42 3.66
N LEU B 196 13.35 14.97 3.37
CA LEU B 196 13.29 16.35 2.90
C LEU B 196 13.66 17.32 4.00
N ILE B 197 13.19 17.05 5.23
CA ILE B 197 13.50 17.91 6.37
C ILE B 197 14.98 17.87 6.69
N MET B 198 15.59 16.68 6.64
CA MET B 198 17.02 16.59 6.87
C MET B 198 17.82 17.33 5.81
N SER B 199 17.36 17.33 4.56
CA SER B 199 18.04 18.06 3.50
C SER B 199 18.09 19.56 3.78
N MET B 200 17.10 20.10 4.51
CA MET B 200 17.11 21.53 4.82
C MET B 200 18.33 21.92 5.65
N SER B 201 18.97 20.95 6.31
CA SER B 201 20.21 21.16 7.05
C SER B 201 21.45 20.89 6.21
N GLU B 202 21.30 20.48 4.95
CA GLU B 202 22.50 20.26 4.13
C GLU B 202 22.96 21.62 3.64
N PRO B 203 24.17 22.04 3.98
CA PRO B 203 24.61 23.39 3.64
C PRO B 203 24.60 23.60 2.14
N GLY B 204 24.12 24.77 1.72
CA GLY B 204 24.08 25.05 0.31
C GLY B 204 22.78 24.70 -0.37
N LEU B 205 22.04 23.72 0.15
CA LEU B 205 20.91 23.17 -0.60
C LEU B 205 19.70 24.09 -0.56
N TRP B 206 19.40 24.66 0.61
CA TRP B 206 18.28 25.56 0.81
C TRP B 206 18.84 26.87 1.32
N SER B 207 18.49 27.96 0.66
CA SER B 207 18.92 29.25 1.16
C SER B 207 18.33 29.46 2.55
N PRO B 208 19.11 30.03 3.48
CA PRO B 208 18.54 30.36 4.80
C PRO B 208 17.38 31.33 4.70
N THR B 209 17.38 32.21 3.69
CA THR B 209 16.25 33.12 3.50
C THR B 209 15.01 32.36 3.02
N ASP B 210 15.19 31.37 2.15
CA ASP B 210 14.05 30.56 1.73
C ASP B 210 13.49 29.78 2.92
N LEU B 211 14.36 29.19 3.74
CA LEU B 211 13.88 28.50 4.93
C LEU B 211 13.10 29.44 5.83
N ASP B 212 13.55 30.69 5.95
CA ASP B 212 12.82 31.65 6.77
C ASP B 212 11.43 31.91 6.21
N VAL B 213 11.33 32.10 4.89
CA VAL B 213 10.01 32.30 4.29
C VAL B 213 9.16 31.06 4.50
N ILE B 214 9.69 29.88 4.16
CA ILE B 214 8.93 28.65 4.23
C ILE B 214 8.38 28.44 5.63
N LEU B 215 9.23 28.58 6.64
CA LEU B 215 8.85 28.21 8.00
C LEU B 215 8.19 29.34 8.78
N SER B 216 8.40 30.61 8.39
CA SER B 216 7.69 31.70 9.07
C SER B 216 6.33 32.00 8.43
N GLN B 217 6.22 31.89 7.11
CA GLN B 217 5.00 32.26 6.41
C GLN B 217 4.12 31.09 6.02
N TYR B 218 4.67 29.89 5.92
CA TYR B 218 3.87 28.76 5.47
C TYR B 218 3.82 27.67 6.55
N GLY B 219 4.85 26.84 6.65
CA GLY B 219 4.91 25.83 7.68
C GLY B 219 5.19 24.46 7.11
N ALA B 220 5.29 23.49 8.00
CA ALA B 220 5.64 22.13 7.59
C ALA B 220 4.97 21.11 8.49
N PHE B 221 4.27 20.17 7.87
CA PHE B 221 3.82 18.95 8.53
C PHE B 221 4.79 17.84 8.13
N ILE B 222 5.40 17.21 9.12
CA ILE B 222 6.54 16.31 8.91
C ILE B 222 6.18 14.93 9.42
N ILE B 223 6.26 13.94 8.56
CA ILE B 223 6.01 12.56 8.93
C ILE B 223 7.29 11.94 9.50
N GLU B 224 7.21 11.43 10.72
CA GLU B 224 8.34 10.83 11.40
C GLU B 224 8.12 9.33 11.40
N ARG B 225 9.06 8.57 10.83
CA ARG B 225 8.88 7.12 10.78
C ARG B 225 9.00 6.55 12.20
N SER B 226 8.31 5.42 12.42
CA SER B 226 8.36 4.80 13.75
C SER B 226 9.77 4.32 14.04
N GLY B 227 10.19 4.52 15.29
CA GLY B 227 11.53 4.16 15.72
C GLY B 227 12.59 5.21 15.49
N THR B 228 12.44 6.03 14.44
CA THR B 228 13.36 7.11 14.11
C THR B 228 13.02 8.38 14.90
N ASP B 229 14.08 9.08 15.31
CA ASP B 229 13.98 10.32 16.06
C ASP B 229 14.61 11.43 15.22
N ILE B 230 13.77 12.31 14.66
CA ILE B 230 14.24 13.41 13.82
C ILE B 230 14.29 14.73 14.59
N GLU B 231 14.22 14.68 15.92
CA GLU B 231 14.14 15.92 16.69
C GLU B 231 15.41 16.75 16.55
N GLU B 232 16.58 16.10 16.57
CA GLU B 232 17.83 16.85 16.47
C GLU B 232 17.94 17.54 15.12
N ALA B 233 17.51 16.87 14.04
CA ALA B 233 17.50 17.52 12.73
C ALA B 233 16.52 18.69 12.72
N LEU B 234 15.42 18.58 13.47
CA LEU B 234 14.45 19.67 13.64
C LEU B 234 14.98 20.84 14.44
N ALA B 235 15.97 20.60 15.32
CA ALA B 235 16.40 21.62 16.27
C ALA B 235 16.79 22.93 15.58
N SER B 236 17.60 22.84 14.52
CA SER B 236 17.99 24.05 13.82
C SER B 236 16.81 24.72 13.14
N LEU B 237 15.71 23.99 12.95
CA LEU B 237 14.61 24.52 12.15
C LEU B 237 13.54 25.15 13.02
N ARG B 238 13.42 24.74 14.28
CA ARG B 238 12.47 25.39 15.19
C ARG B 238 12.92 26.78 15.55
N GLN B 239 14.14 27.14 15.15
CA GLN B 239 14.69 28.47 15.26
C GLN B 239 14.07 29.47 14.29
N TYR B 240 13.50 29.00 13.16
CA TYR B 240 12.71 29.84 12.24
C TYR B 240 11.22 29.62 12.48
N GLU B 241 10.74 30.08 13.64
CA GLU B 241 9.34 29.95 14.04
C GLU B 241 8.90 28.49 14.19
N ASN B 242 7.97 28.23 15.10
CA ASN B 242 7.43 26.88 15.29
C ASN B 242 6.08 26.74 14.59
N ASN B 243 6.15 26.74 13.25
CA ASN B 243 5.09 26.34 12.33
C ASN B 243 5.40 24.97 11.78
N ILE B 244 5.83 24.12 12.71
CA ILE B 244 6.29 22.76 12.45
C ILE B 244 5.44 21.80 13.25
N TRP B 245 4.76 20.89 12.57
CA TRP B 245 3.98 19.84 13.21
C TRP B 245 4.58 18.49 12.86
N VAL B 246 4.95 17.71 13.88
CA VAL B 246 5.51 16.38 13.69
C VAL B 246 4.41 15.35 13.85
N ILE B 247 4.24 14.50 12.86
CA ILE B 247 3.21 13.48 12.83
C ILE B 247 3.91 12.13 12.97
N SER B 248 3.68 11.45 14.10
CA SER B 248 4.28 10.14 14.29
C SER B 248 3.61 9.10 13.39
N GLN B 249 4.43 8.33 12.68
CA GLN B 249 3.95 7.23 11.84
C GLN B 249 4.03 5.94 12.63
N VAL B 250 2.89 5.44 13.09
CA VAL B 250 2.88 4.21 13.90
C VAL B 250 3.00 2.98 13.01
N ILE B 251 2.31 2.97 11.87
CA ILE B 251 2.37 1.85 10.95
C ILE B 251 3.69 1.94 10.17
N GLN B 252 4.52 0.91 10.28
CA GLN B 252 5.79 0.89 9.57
C GLN B 252 5.58 0.75 8.07
N ASN B 253 6.31 1.54 7.28
CA ASN B 253 6.16 1.55 5.82
C ASN B 253 7.33 2.31 5.21
N ASP B 254 8.17 1.61 4.45
CA ASP B 254 9.39 2.19 3.88
C ASP B 254 9.39 2.11 2.36
N ILE B 255 8.21 2.08 1.73
CA ILE B 255 8.14 2.00 0.27
C ILE B 255 8.66 3.30 -0.32
N SER B 256 9.94 3.37 -0.66
CA SER B 256 10.47 4.60 -1.23
C SER B 256 10.57 4.46 -2.74
N SER B 257 10.57 5.61 -3.42
CA SER B 257 10.74 5.60 -4.87
C SER B 257 12.05 4.91 -5.26
N THR B 258 13.09 5.07 -4.43
CA THR B 258 14.37 4.43 -4.73
C THR B 258 14.23 2.91 -4.74
N LYS B 259 13.56 2.36 -3.73
CA LYS B 259 13.37 0.91 -3.70
C LYS B 259 12.49 0.45 -4.86
N VAL B 260 11.46 1.23 -5.20
CA VAL B 260 10.59 0.82 -6.31
C VAL B 260 11.38 0.77 -7.62
N ARG B 261 12.28 1.74 -7.84
CA ARG B 261 13.09 1.72 -9.06
C ARG B 261 14.03 0.53 -9.07
N LEU B 262 14.66 0.22 -7.93
CA LEU B 262 15.53 -0.95 -7.83
C LEU B 262 14.77 -2.23 -8.20
N PHE B 263 13.60 -2.44 -7.61
CA PHE B 263 12.79 -3.60 -7.95
C PHE B 263 12.49 -3.65 -9.44
N LEU B 264 12.17 -2.49 -10.03
CA LEU B 264 11.87 -2.44 -11.46
C LEU B 264 13.10 -2.80 -12.30
N ARG B 265 14.28 -2.36 -11.89
CA ARG B 265 15.49 -2.69 -12.64
C ARG B 265 15.80 -4.17 -12.57
N LYS B 266 15.57 -4.78 -11.41
CA LYS B 266 15.84 -6.20 -11.21
C LYS B 266 14.69 -7.09 -11.66
N ASP B 267 13.71 -6.52 -12.38
CA ASP B 267 12.57 -7.27 -12.93
C ASP B 267 11.74 -7.93 -11.83
N LEU B 268 11.62 -7.26 -10.69
CA LEU B 268 10.74 -7.72 -9.62
C LEU B 268 9.41 -6.98 -9.67
N SER B 269 8.40 -7.57 -9.05
CA SER B 269 7.06 -6.99 -9.05
C SER B 269 7.00 -5.80 -8.10
N VAL B 270 6.28 -4.76 -8.50
CA VAL B 270 5.99 -3.65 -7.60
C VAL B 270 4.49 -3.50 -7.37
N ARG B 271 3.69 -4.47 -7.81
CA ARG B 271 2.26 -4.40 -7.55
C ARG B 271 2.01 -4.39 -6.04
N TYR B 272 1.08 -3.55 -5.61
CA TYR B 272 0.71 -3.31 -4.21
C TYR B 272 1.74 -2.48 -3.45
N LEU B 273 2.79 -2.02 -4.12
CA LEU B 273 3.64 -0.97 -3.55
C LEU B 273 3.30 0.40 -4.11
N ILE B 274 2.79 0.45 -5.33
CA ILE B 274 2.35 1.68 -5.99
C ILE B 274 1.03 1.38 -6.66
N PRO B 275 0.24 2.39 -7.01
CA PRO B 275 -1.11 2.12 -7.52
C PRO B 275 -1.07 1.40 -8.86
N ASP B 276 -2.04 0.51 -9.06
CA ASP B 276 -2.19 -0.20 -10.32
C ASP B 276 -2.09 0.72 -11.54
N PRO B 277 -2.77 1.88 -11.59
CA PRO B 277 -2.61 2.74 -12.79
C PRO B 277 -1.18 3.20 -13.01
N VAL B 278 -0.39 3.32 -11.95
CA VAL B 278 1.01 3.69 -12.11
C VAL B 278 1.81 2.50 -12.63
N VAL B 279 1.53 1.30 -12.12
CA VAL B 279 2.14 0.09 -12.65
C VAL B 279 1.84 -0.03 -14.14
N ASP B 280 0.59 0.19 -14.53
CA ASP B 280 0.21 0.07 -15.93
C ASP B 280 0.90 1.12 -16.79
N TYR B 281 0.98 2.35 -16.28
CA TYR B 281 1.63 3.41 -17.03
C TYR B 281 3.11 3.10 -17.21
N ILE B 282 3.77 2.62 -16.16
CA ILE B 282 5.20 2.34 -16.25
C ILE B 282 5.46 1.23 -17.27
N GLU B 283 4.61 0.21 -17.30
CA GLU B 283 4.77 -0.84 -18.29
C GLU B 283 4.44 -0.34 -19.69
N GLU B 284 3.39 0.47 -19.83
CA GLU B 284 3.02 0.97 -21.15
C GLU B 284 4.13 1.80 -21.78
N HIS B 285 4.83 2.60 -20.98
CA HIS B 285 5.84 3.50 -21.52
C HIS B 285 7.26 3.01 -21.24
N GLY B 286 7.41 1.83 -20.67
CA GLY B 286 8.73 1.25 -20.46
C GLY B 286 9.67 2.08 -19.60
N LEU B 287 9.12 2.76 -18.59
CA LEU B 287 9.92 3.62 -17.72
C LEU B 287 10.76 2.80 -16.74
N TYR B 288 11.86 3.42 -16.28
CA TYR B 288 12.72 2.85 -15.24
C TYR B 288 13.44 1.57 -15.68
N GLN B 289 13.86 1.56 -16.96
CA GLN B 289 14.74 0.54 -17.53
C GLN B 289 14.43 -0.90 -17.14
O3P NMN C . -5.81 -13.90 9.89
P NMN C . -5.18 -14.97 10.77
O1P NMN C . -5.81 -14.90 12.14
O2P NMN C . -3.69 -14.69 10.87
O5R NMN C . -5.40 -16.46 10.06
C5R NMN C . -5.14 -17.68 10.76
C4R NMN C . -5.32 -18.86 9.81
O4R NMN C . -4.55 -20.16 10.41
C3R NMN C . -6.58 -19.19 9.70
O3R NMN C . -6.87 -19.73 8.33
C2R NMN C . -6.78 -20.34 10.71
O2R NMN C . -7.79 -21.16 10.33
C1R NMN C . -5.46 -21.09 10.58
N1 NMN C . -5.23 -21.89 11.80
C2 NMN C . -5.35 -23.22 11.69
C3 NMN C . -5.16 -24.02 12.80
C7 NMN C . -5.30 -25.53 12.60
O7 NMN C . -5.63 -25.93 11.53
N7 NMN C . -5.02 -26.46 13.69
C4 NMN C . -4.86 -23.48 14.01
C5 NMN C . -4.75 -22.13 14.12
C6 NMN C . -4.95 -21.31 13.00
C1 GOL D . 8.45 -30.73 -16.52
O1 GOL D . 9.70 -30.75 -15.93
C2 GOL D . 8.42 -29.42 -17.29
O2 GOL D . 8.62 -29.61 -18.64
C3 GOL D . 7.10 -28.70 -16.92
O3 GOL D . 6.86 -27.77 -17.93
C1 PEG E . 1.83 -15.19 -11.86
O1 PEG E . 3.18 -14.78 -11.80
C2 PEG E . 1.67 -16.34 -12.82
O2 PEG E . 0.32 -16.77 -12.87
C3 PEG E . -0.38 -16.28 -14.00
C4 PEG E . -1.63 -17.06 -14.19
O4 PEG E . -2.24 -16.74 -15.44
C1 EDO F . -18.67 -7.07 12.41
O1 EDO F . -17.23 -6.97 12.43
C2 EDO F . -19.19 -5.79 11.79
O2 EDO F . -18.71 -5.71 10.45
C1 EDO G . 0.12 -31.26 -3.08
O1 EDO G . 1.42 -30.68 -2.87
C2 EDO G . 0.01 -31.95 -4.43
O2 EDO G . 0.75 -33.18 -4.41
C1 GOL H . -4.81 0.61 -6.03
O1 GOL H . -4.03 0.14 -7.10
C2 GOL H . -6.19 0.99 -6.59
O2 GOL H . -6.37 0.50 -7.88
C3 GOL H . -7.21 0.43 -5.57
O3 GOL H . -6.95 1.05 -4.31
O3P NMN I . 10.96 13.36 -3.45
P NMN I . 12.11 14.19 -2.94
O1P NMN I . 13.33 13.90 -3.77
O2P NMN I . 12.37 13.88 -1.47
O5R NMN I . 11.68 15.79 -3.10
C5R NMN I . 12.54 16.85 -2.69
C4R NMN I . 11.76 18.16 -2.79
O4R NMN I . 12.55 19.26 -1.94
C3R NMN I . 11.66 18.62 -4.03
O3R NMN I . 10.37 19.35 -4.22
C2R NMN I . 12.80 19.66 -4.14
O2R NMN I . 12.51 20.63 -5.06
C1R NMN I . 12.76 20.27 -2.74
N1 NMN I . 14.04 20.96 -2.54
C2 NMN I . 14.02 22.32 -2.53
C3 NMN I . 15.19 23.02 -2.37
C7 NMN I . 15.12 24.56 -2.36
O7 NMN I . 14.07 25.10 -2.56
N7 NMN I . 16.33 25.32 -2.12
C4 NMN I . 16.37 22.37 -2.23
C5 NMN I . 16.40 21.01 -2.25
C6 NMN I . 15.21 20.29 -2.42
C1 GOL J . -14.38 29.36 10.10
O1 GOL J . -15.13 28.27 9.61
C2 GOL J . -15.14 29.95 11.32
O2 GOL J . -16.41 30.36 11.02
C3 GOL J . -14.26 31.10 11.81
O3 GOL J . -13.32 30.52 12.66
C1 PEG K . -10.74 15.44 4.22
O1 PEG K . -10.17 14.21 3.76
C2 PEG K . -10.17 16.60 3.45
O2 PEG K . -11.20 17.19 2.65
C3 PEG K . -10.69 18.01 1.59
C4 PEG K . -11.78 18.23 0.57
O4 PEG K . -11.27 18.82 -0.62
C1 EDO L . 5.83 19.71 17.05
O1 EDO L . 6.32 18.71 17.95
C2 EDO L . 4.31 19.86 17.17
O2 EDO L . 3.64 18.66 16.73
#